data_4AEN
#
_entry.id   4AEN
#
_cell.length_a   66.196
_cell.length_b   145.111
_cell.length_c   108.777
_cell.angle_alpha   90.00
_cell.angle_beta   90.00
_cell.angle_gamma   90.00
#
_symmetry.space_group_name_H-M   'C 2 2 2'
#
loop_
_entity.id
_entity.type
_entity.pdbx_description
1 polymer 'HLA CLASS II HISTOCOMPATIBILITY ANTIGEN, DR ALPHA CHAIN'
2 polymer 'HLA CLASS II HISTOCOMPATIBILITY ANTIGEN, DRB1-1 BETA CHAIN'
3 polymer 'HLA CLASS II HISTOCOMPATIBILITY ANTIGEN GAMMA CHAIN'
4 non-polymer GLYCEROL
5 water water
#
loop_
_entity_poly.entity_id
_entity_poly.type
_entity_poly.pdbx_seq_one_letter_code
_entity_poly.pdbx_strand_id
1 'polypeptide(L)'
;GGGGSGGGGSGGGGSIKEEHVIIQAEFYLNPDQSGEFMFDFDGDEIFHVDMAKKETVWRLEEFGRFASFEAQGALANIAV
DKANLEIMTKRSNYTPITNVPPEVTVLTNSPVELREPNVLICFIDKFTPPVVNVTWLRNGKPVTTGVSETVFLPREDHLF
RKFHYLPFLPSTEDVYDCRVEHWGLDEPLLKHWEFDAPSPLPETTEN
;
A
2 'polypeptide(L)'
;MGDTRPRFLWQLKFECHFFNGTERVRLLERCIYNQEESVRFDSDVGEYRAVTELGRPDAEYWNSQKDLLEQRRAAVDTYC
RHNYGVGESFTVQRRVEPKVTVYPSKTQPLQHHNLLVCSVSGFYPGSIEVRWFRNGQEEKAGVVSTGLIQNGDWTFQTLV
MLETVPRSGEVYTCQVEHPSVTSPLTVEWRARSESAQSK
;
B
3 'polypeptide(L)' MKMRMATPLLMQALPM C
#
# COMPACT_ATOMS: atom_id res chain seq x y z
N GLU A 18 4.74 -7.81 15.54
CA GLU A 18 5.34 -6.73 16.32
C GLU A 18 4.40 -5.52 16.40
N GLU A 19 4.63 -4.55 15.53
CA GLU A 19 3.67 -3.47 15.35
C GLU A 19 2.80 -3.75 14.13
N HIS A 20 1.51 -3.47 14.26
CA HIS A 20 0.63 -3.41 13.10
C HIS A 20 0.02 -2.03 13.07
N VAL A 21 -0.35 -1.57 11.88
CA VAL A 21 -1.01 -0.29 11.72
C VAL A 21 -2.22 -0.42 10.80
N ILE A 22 -3.37 0.05 11.27
CA ILE A 22 -4.53 0.20 10.43
C ILE A 22 -4.80 1.67 10.19
N ILE A 23 -4.83 2.09 8.92
CA ILE A 23 -5.13 3.47 8.60
C ILE A 23 -6.45 3.62 7.82
N GLN A 24 -7.33 4.48 8.31
CA GLN A 24 -8.46 4.97 7.53
C GLN A 24 -7.97 6.24 6.83
N ALA A 25 -7.74 6.14 5.53
CA ALA A 25 -7.19 7.28 4.79
C ALA A 25 -8.22 7.82 3.80
N GLU A 26 -8.45 9.13 3.85
CA GLU A 26 -9.42 9.80 3.00
C GLU A 26 -8.78 10.99 2.32
N PHE A 27 -9.25 11.34 1.13
CA PHE A 27 -8.86 12.61 0.54
C PHE A 27 -9.96 13.21 -0.31
N TYR A 28 -9.90 14.53 -0.47
CA TYR A 28 -10.69 15.23 -1.47
C TYR A 28 -9.76 16.16 -2.25
N LEU A 29 -9.94 16.21 -3.57
CA LEU A 29 -9.07 16.97 -4.45
C LEU A 29 -9.89 17.86 -5.38
N ASN A 30 -9.60 19.17 -5.35
CA ASN A 30 -10.12 20.15 -6.33
C ASN A 30 -9.03 20.57 -7.30
N PRO A 31 -9.39 20.97 -8.54
CA PRO A 31 -10.75 21.13 -9.09
C PRO A 31 -11.35 19.82 -9.63
N ASP A 32 -10.63 18.72 -9.46
CA ASP A 32 -11.09 17.47 -10.02
C ASP A 32 -12.37 16.97 -9.39
N GLN A 33 -12.65 17.47 -8.18
CA GLN A 33 -13.76 16.96 -7.37
C GLN A 33 -13.66 15.44 -7.22
N SER A 34 -12.48 15.00 -6.79
CA SER A 34 -12.19 13.59 -6.57
C SER A 34 -12.01 13.26 -5.10
N GLY A 35 -12.78 12.29 -4.63
CA GLY A 35 -12.69 11.84 -3.26
C GLY A 35 -12.23 10.40 -3.18
N GLU A 36 -11.58 10.03 -2.08
CA GLU A 36 -11.20 8.64 -1.89
C GLU A 36 -11.38 8.30 -0.43
N PHE A 37 -11.80 7.07 -0.16
CA PHE A 37 -11.92 6.56 1.20
C PHE A 37 -11.45 5.12 1.14
N MET A 38 -10.45 4.80 1.96
CA MET A 38 -9.88 3.45 1.99
C MET A 38 -9.31 3.12 3.38
N PHE A 39 -9.28 1.83 3.71
CA PHE A 39 -8.55 1.31 4.86
C PHE A 39 -7.27 0.61 4.39
N ASP A 40 -6.20 0.82 5.14
CA ASP A 40 -4.88 0.27 4.83
C ASP A 40 -4.45 -0.52 6.06
N PHE A 41 -3.94 -1.74 5.85
CA PHE A 41 -3.34 -2.54 6.92
C PHE A 41 -1.92 -2.92 6.53
N ASP A 42 -0.95 -2.41 7.26
CA ASP A 42 0.47 -2.69 7.00
C ASP A 42 0.86 -2.43 5.54
N GLY A 43 0.23 -1.44 4.93
CA GLY A 43 0.60 -1.03 3.59
C GLY A 43 -0.21 -1.68 2.50
N ASP A 44 -1.11 -2.60 2.86
CA ASP A 44 -2.02 -3.18 1.88
C ASP A 44 -3.43 -2.63 2.09
N GLU A 45 -4.14 -2.39 0.99
CA GLU A 45 -5.52 -1.93 1.04
C GLU A 45 -6.48 -3.02 1.50
N ILE A 46 -7.24 -2.75 2.56
CA ILE A 46 -8.30 -3.69 2.95
C ILE A 46 -9.51 -3.52 2.02
N PHE A 47 -9.90 -2.27 1.82
CA PHE A 47 -11.03 -1.95 0.95
C PHE A 47 -11.01 -0.46 0.66
N HIS A 48 -11.75 -0.05 -0.36
CA HIS A 48 -12.09 1.35 -0.55
C HIS A 48 -13.57 1.48 -0.87
N VAL A 49 -14.08 2.71 -0.87
CA VAL A 49 -15.46 2.96 -1.27
C VAL A 49 -15.49 3.60 -2.65
N ASP A 50 -16.20 2.95 -3.56
CA ASP A 50 -16.38 3.48 -4.90
C ASP A 50 -17.37 4.62 -4.82
N MET A 51 -16.88 5.85 -5.04
CA MET A 51 -17.71 7.05 -4.94
C MET A 51 -18.88 7.09 -5.94
N ALA A 52 -18.64 6.73 -7.19
CA ALA A 52 -19.70 6.74 -8.20
C ALA A 52 -20.79 5.72 -7.88
N LYS A 53 -20.40 4.47 -7.68
CA LYS A 53 -21.37 3.43 -7.38
C LYS A 53 -21.82 3.43 -5.92
N LYS A 54 -21.20 4.27 -5.09
CA LYS A 54 -21.54 4.33 -3.67
C LYS A 54 -21.48 2.97 -2.99
N GLU A 55 -20.41 2.21 -3.25
CA GLU A 55 -20.33 0.87 -2.71
C GLU A 55 -18.94 0.50 -2.20
N THR A 56 -18.94 -0.35 -1.19
CA THR A 56 -17.71 -0.90 -0.61
C THR A 56 -17.09 -1.93 -1.52
N VAL A 57 -15.82 -1.73 -1.86
CA VAL A 57 -15.10 -2.67 -2.71
C VAL A 57 -13.90 -3.25 -1.96
N TRP A 58 -13.94 -4.55 -1.70
CA TRP A 58 -12.87 -5.19 -0.94
C TRP A 58 -11.68 -5.57 -1.83
N ARG A 59 -10.47 -5.29 -1.35
CA ARG A 59 -9.29 -5.44 -2.19
C ARG A 59 -9.07 -6.90 -2.56
N LEU A 60 -9.26 -7.77 -1.58
CA LEU A 60 -9.35 -9.20 -1.84
C LEU A 60 -10.81 -9.52 -1.65
N GLU A 61 -11.45 -10.01 -2.71
CA GLU A 61 -12.90 -10.12 -2.65
C GLU A 61 -13.41 -11.09 -1.58
N GLU A 62 -12.57 -12.02 -1.14
CA GLU A 62 -12.89 -12.90 -0.02
C GLU A 62 -13.12 -12.12 1.28
N PHE A 63 -12.57 -10.91 1.38
CA PHE A 63 -12.72 -10.14 2.61
C PHE A 63 -14.20 -9.84 2.83
N GLY A 64 -14.93 -9.69 1.73
CA GLY A 64 -16.35 -9.40 1.79
C GLY A 64 -17.22 -10.50 2.37
N ARG A 65 -16.66 -11.69 2.57
CA ARG A 65 -17.43 -12.71 3.28
C ARG A 65 -17.10 -12.77 4.77
N PHE A 66 -16.14 -11.97 5.20
CA PHE A 66 -15.69 -11.99 6.60
C PHE A 66 -16.08 -10.71 7.35
N ALA A 67 -16.41 -9.66 6.61
CA ALA A 67 -16.73 -8.37 7.23
C ALA A 67 -17.60 -7.52 6.33
N SER A 68 -18.26 -6.54 6.93
CA SER A 68 -19.07 -5.61 6.16
C SER A 68 -18.62 -4.18 6.50
N PHE A 69 -18.91 -3.27 5.58
CA PHE A 69 -18.67 -1.86 5.82
C PHE A 69 -19.73 -1.00 5.15
N GLU A 70 -20.31 -0.08 5.92
CA GLU A 70 -21.39 0.76 5.45
C GLU A 70 -20.85 1.91 4.58
N ALA A 71 -21.00 1.79 3.27
CA ALA A 71 -20.49 2.80 2.33
C ALA A 71 -20.98 4.22 2.59
N GLN A 72 -22.21 4.36 3.09
CA GLN A 72 -22.78 5.69 3.30
C GLN A 72 -22.01 6.52 4.31
N GLY A 73 -21.47 5.88 5.34
CA GLY A 73 -20.63 6.60 6.30
C GLY A 73 -19.43 7.25 5.64
N ALA A 74 -18.80 6.54 4.70
CA ALA A 74 -17.66 7.08 3.99
C ALA A 74 -18.06 8.26 3.09
N LEU A 75 -19.21 8.15 2.43
CA LEU A 75 -19.71 9.23 1.60
C LEU A 75 -19.94 10.50 2.45
N ALA A 76 -20.46 10.33 3.65
CA ALA A 76 -20.64 11.47 4.54
C ALA A 76 -19.29 12.08 4.90
N ASN A 77 -18.32 11.24 5.23
CA ASN A 77 -16.95 11.71 5.50
C ASN A 77 -16.34 12.51 4.35
N ILE A 78 -16.46 12.00 3.12
CA ILE A 78 -15.93 12.70 1.96
C ILE A 78 -16.56 14.10 1.77
N ALA A 79 -17.87 14.20 2.04
CA ALA A 79 -18.53 15.50 1.97
C ALA A 79 -17.98 16.45 3.03
N VAL A 80 -17.63 15.91 4.20
CA VAL A 80 -16.94 16.71 5.20
C VAL A 80 -15.55 17.13 4.71
N ASP A 81 -14.81 16.18 4.15
CA ASP A 81 -13.49 16.45 3.57
C ASP A 81 -13.53 17.53 2.50
N LYS A 82 -14.52 17.47 1.60
CA LYS A 82 -14.64 18.49 0.57
C LYS A 82 -14.83 19.88 1.17
N ALA A 83 -15.74 19.98 2.14
CA ALA A 83 -16.03 21.24 2.80
C ALA A 83 -14.79 21.76 3.51
N ASN A 84 -14.04 20.86 4.16
CA ASN A 84 -12.83 21.25 4.87
C ASN A 84 -11.75 21.75 3.91
N LEU A 85 -11.64 21.08 2.77
CA LEU A 85 -10.67 21.49 1.75
C LEU A 85 -10.96 22.92 1.27
N GLU A 86 -12.24 23.22 1.09
CA GLU A 86 -12.62 24.54 0.64
C GLU A 86 -12.27 25.61 1.67
N ILE A 87 -12.50 25.31 2.96
CA ILE A 87 -12.08 26.20 4.03
C ILE A 87 -10.57 26.43 4.01
N MET A 88 -9.80 25.33 3.95
CA MET A 88 -8.33 25.42 3.98
C MET A 88 -7.74 26.14 2.78
N THR A 89 -8.35 25.93 1.63
CA THR A 89 -7.88 26.55 0.40
C THR A 89 -7.85 28.07 0.57
N LYS A 90 -8.96 28.61 1.06
CA LYS A 90 -9.05 30.03 1.33
C LYS A 90 -8.06 30.44 2.43
N ARG A 91 -8.03 29.70 3.53
CA ARG A 91 -7.18 30.03 4.68
C ARG A 91 -5.71 30.03 4.32
N SER A 92 -5.31 29.14 3.41
CA SER A 92 -3.93 29.10 2.95
C SER A 92 -3.61 30.23 1.98
N ASN A 93 -4.57 31.12 1.79
CA ASN A 93 -4.47 32.14 0.75
C ASN A 93 -4.31 31.52 -0.65
N TYR A 94 -5.11 30.49 -0.93
CA TYR A 94 -5.17 29.88 -2.26
C TYR A 94 -3.84 29.28 -2.71
N THR A 95 -3.10 28.72 -1.76
CA THR A 95 -1.84 28.05 -2.06
C THR A 95 -2.12 26.66 -2.62
N PRO A 96 -1.65 26.40 -3.84
CA PRO A 96 -1.88 25.11 -4.50
C PRO A 96 -0.79 24.11 -4.13
N ILE A 97 -1.08 22.83 -4.32
CA ILE A 97 -0.11 21.76 -4.09
C ILE A 97 1.07 21.85 -5.07
N THR A 98 2.25 21.47 -4.60
CA THR A 98 3.41 21.31 -5.48
C THR A 98 3.43 19.91 -6.08
N ASN A 99 3.55 19.82 -7.40
CA ASN A 99 3.65 18.52 -8.06
C ASN A 99 4.93 17.79 -7.67
N VAL A 100 4.79 16.56 -7.16
CA VAL A 100 5.92 15.67 -6.96
C VAL A 100 5.79 14.48 -7.93
N PRO A 101 6.73 14.34 -8.87
CA PRO A 101 6.59 13.29 -9.90
C PRO A 101 6.85 11.89 -9.35
N PRO A 102 6.23 10.87 -9.95
CA PRO A 102 6.33 9.49 -9.48
C PRO A 102 7.64 8.79 -9.83
N GLU A 103 8.06 7.84 -9.02
CA GLU A 103 9.06 6.86 -9.40
C GLU A 103 8.29 5.68 -9.92
N VAL A 104 8.72 5.10 -11.05
CA VAL A 104 8.00 4.00 -11.66
C VAL A 104 8.88 2.74 -11.78
N THR A 105 8.34 1.61 -11.35
CA THR A 105 9.05 0.36 -11.44
C THR A 105 8.17 -0.72 -12.06
N VAL A 106 8.71 -1.45 -13.03
CA VAL A 106 7.97 -2.55 -13.63
C VAL A 106 8.58 -3.88 -13.25
N LEU A 107 7.76 -4.74 -12.65
CA LEU A 107 8.23 -6.08 -12.32
C LEU A 107 7.14 -7.13 -12.56
N THR A 108 7.50 -8.40 -12.41
CA THR A 108 6.53 -9.45 -12.65
C THR A 108 6.18 -10.09 -11.34
N ASN A 109 5.00 -10.70 -11.32
CA ASN A 109 4.50 -11.42 -10.16
C ASN A 109 5.48 -12.51 -9.70
N SER A 110 6.05 -13.20 -10.67
CA SER A 110 6.91 -14.35 -10.39
C SER A 110 7.87 -14.55 -11.56
N PRO A 111 8.92 -15.39 -11.36
CA PRO A 111 9.87 -15.67 -12.45
C PRO A 111 9.14 -16.08 -13.72
N VAL A 112 9.49 -15.45 -14.83
CA VAL A 112 8.77 -15.68 -16.05
C VAL A 112 9.19 -16.97 -16.72
N GLU A 113 8.19 -17.69 -17.25
CA GLU A 113 8.43 -18.87 -18.06
C GLU A 113 7.55 -18.72 -19.29
N LEU A 114 8.12 -19.07 -20.45
CA LEU A 114 7.40 -19.04 -21.71
C LEU A 114 6.03 -19.69 -21.61
N ARG A 115 5.00 -18.94 -22.00
CA ARG A 115 3.63 -19.42 -22.06
C ARG A 115 2.94 -19.61 -20.69
N GLU A 116 3.68 -19.51 -19.58
CA GLU A 116 3.06 -19.64 -18.26
C GLU A 116 2.45 -18.32 -17.81
N PRO A 117 1.13 -18.29 -17.59
CA PRO A 117 0.45 -17.05 -17.22
C PRO A 117 1.15 -16.34 -16.08
N ASN A 118 1.34 -15.04 -16.23
CA ASN A 118 2.07 -14.25 -15.25
C ASN A 118 1.42 -12.87 -15.23
N VAL A 119 1.94 -11.98 -14.38
CA VAL A 119 1.41 -10.63 -14.32
C VAL A 119 2.51 -9.58 -14.34
N LEU A 120 2.37 -8.59 -15.22
CA LEU A 120 3.23 -7.42 -15.15
C LEU A 120 2.67 -6.46 -14.11
N ILE A 121 3.56 -5.96 -13.26
CA ILE A 121 3.17 -5.03 -12.19
C ILE A 121 3.89 -3.69 -12.35
N CYS A 122 3.09 -2.64 -12.53
CA CYS A 122 3.63 -1.29 -12.63
C CYS A 122 3.44 -0.61 -11.28
N PHE A 123 4.55 -0.44 -10.54
CA PHE A 123 4.53 0.23 -9.25
C PHE A 123 4.85 1.71 -9.41
N ILE A 124 3.90 2.55 -9.03
CA ILE A 124 4.02 4.00 -9.18
C ILE A 124 4.08 4.61 -7.78
N ASP A 125 5.18 5.30 -7.44
CA ASP A 125 5.45 5.63 -6.05
C ASP A 125 5.96 7.07 -5.82
N LYS A 126 5.69 7.60 -4.63
CA LYS A 126 6.22 8.89 -4.15
C LYS A 126 5.75 10.09 -4.95
N PHE A 127 4.44 10.20 -5.17
CA PHE A 127 3.90 11.26 -6.00
C PHE A 127 2.66 11.92 -5.39
N THR A 128 2.38 13.14 -5.83
CA THR A 128 1.20 13.89 -5.46
C THR A 128 1.10 15.07 -6.44
N PRO A 129 -0.13 15.53 -6.77
CA PRO A 129 -1.45 15.06 -6.31
C PRO A 129 -1.79 13.66 -6.87
N PRO A 130 -2.79 13.00 -6.27
CA PRO A 130 -3.17 11.64 -6.69
C PRO A 130 -4.01 11.61 -7.97
N VAL A 131 -3.38 11.98 -9.09
CA VAL A 131 -3.98 11.83 -10.40
C VAL A 131 -2.89 11.32 -11.31
N VAL A 132 -3.12 10.16 -11.92
CA VAL A 132 -2.16 9.64 -12.88
C VAL A 132 -2.87 9.01 -14.05
N ASN A 133 -2.25 9.07 -15.22
CA ASN A 133 -2.74 8.33 -16.36
C ASN A 133 -1.77 7.22 -16.70
N VAL A 134 -2.22 5.98 -16.55
CA VAL A 134 -1.36 4.85 -16.77
C VAL A 134 -1.84 4.03 -17.95
N THR A 135 -0.95 3.75 -18.88
CA THR A 135 -1.28 2.95 -20.05
C THR A 135 -0.21 1.88 -20.23
N TRP A 136 -0.64 0.63 -20.44
CA TRP A 136 0.29 -0.43 -20.81
C TRP A 136 0.50 -0.45 -22.33
N LEU A 137 1.73 -0.69 -22.74
CA LEU A 137 1.99 -0.82 -24.17
C LEU A 137 2.58 -2.17 -24.46
N ARG A 138 1.97 -2.91 -25.39
CA ARG A 138 2.55 -4.14 -25.90
C ARG A 138 3.03 -3.93 -27.33
N ASN A 139 4.34 -4.05 -27.54
CA ASN A 139 4.95 -3.78 -28.83
C ASN A 139 4.50 -2.42 -29.36
N GLY A 140 4.65 -1.38 -28.55
CA GLY A 140 4.29 -0.03 -28.94
C GLY A 140 2.82 0.31 -28.90
N LYS A 141 1.95 -0.69 -29.02
CA LYS A 141 0.51 -0.41 -29.03
C LYS A 141 -0.12 -0.51 -27.64
N PRO A 142 -1.00 0.44 -27.31
CA PRO A 142 -1.75 0.46 -26.05
C PRO A 142 -2.59 -0.79 -25.84
N VAL A 143 -2.78 -1.16 -24.58
CA VAL A 143 -3.63 -2.28 -24.20
C VAL A 143 -4.85 -1.75 -23.46
N THR A 144 -6.03 -1.93 -24.05
CA THR A 144 -7.25 -1.26 -23.60
C THR A 144 -8.16 -2.12 -22.69
N THR A 145 -7.94 -3.43 -22.70
CA THR A 145 -8.74 -4.33 -21.87
C THR A 145 -7.83 -5.28 -21.11
N GLY A 146 -8.39 -5.92 -20.08
CA GLY A 146 -7.66 -6.93 -19.34
C GLY A 146 -6.77 -6.41 -18.23
N VAL A 147 -6.71 -5.09 -18.08
CA VAL A 147 -5.90 -4.47 -17.05
C VAL A 147 -6.70 -4.20 -15.77
N SER A 148 -6.00 -4.02 -14.66
CA SER A 148 -6.64 -3.62 -13.40
C SER A 148 -5.67 -2.79 -12.55
N GLU A 149 -6.18 -2.22 -11.46
CA GLU A 149 -5.42 -1.23 -10.72
C GLU A 149 -5.94 -1.09 -9.31
N THR A 150 -5.07 -0.61 -8.40
CA THR A 150 -5.49 -0.27 -7.05
C THR A 150 -5.89 1.19 -7.03
N VAL A 151 -6.50 1.63 -5.92
CA VAL A 151 -6.71 3.06 -5.70
C VAL A 151 -5.38 3.62 -5.20
N PHE A 152 -5.36 4.90 -4.86
CA PHE A 152 -4.11 5.51 -4.41
C PHE A 152 -3.87 5.09 -2.98
N LEU A 153 -2.68 4.60 -2.67
CA LEU A 153 -2.40 4.15 -1.31
C LEU A 153 -1.60 5.22 -0.59
N PRO A 154 -1.83 5.38 0.71
CA PRO A 154 -1.20 6.45 1.47
C PRO A 154 0.27 6.14 1.82
N ARG A 155 1.06 7.19 1.99
CA ARG A 155 2.43 7.06 2.44
C ARG A 155 2.59 7.95 3.66
N GLU A 156 3.57 7.62 4.49
CA GLU A 156 3.83 8.38 5.70
C GLU A 156 4.28 9.80 5.43
N ASP A 157 4.91 10.05 4.27
CA ASP A 157 5.25 11.41 3.89
C ASP A 157 4.08 12.15 3.21
N HIS A 158 2.92 11.50 3.19
CA HIS A 158 1.70 12.08 2.66
C HIS A 158 1.67 12.20 1.15
N LEU A 159 2.63 11.54 0.50
CA LEU A 159 2.52 11.25 -0.93
C LEU A 159 1.72 9.97 -1.12
N PHE A 160 1.74 9.43 -2.33
CA PHE A 160 0.90 8.28 -2.69
C PHE A 160 1.65 7.22 -3.48
N ARG A 161 1.10 6.03 -3.47
CA ARG A 161 1.59 4.96 -4.34
C ARG A 161 0.40 4.27 -4.98
N LYS A 162 0.66 3.48 -6.01
CA LYS A 162 -0.39 2.87 -6.80
C LYS A 162 0.21 1.73 -7.61
N PHE A 163 -0.60 0.71 -7.89
CA PHE A 163 -0.18 -0.45 -8.65
C PHE A 163 -1.13 -0.68 -9.80
N HIS A 164 -0.59 -0.96 -10.98
CA HIS A 164 -1.39 -1.35 -12.14
C HIS A 164 -0.91 -2.73 -12.60
N TYR A 165 -1.86 -3.56 -13.06
CA TYR A 165 -1.56 -4.97 -13.34
C TYR A 165 -1.96 -5.37 -14.76
N LEU A 166 -1.15 -6.23 -15.37
CA LEU A 166 -1.42 -6.73 -16.71
C LEU A 166 -1.07 -8.21 -16.82
N PRO A 167 -2.10 -9.07 -16.84
CA PRO A 167 -1.92 -10.53 -16.97
C PRO A 167 -1.41 -10.79 -18.37
N PHE A 168 -0.47 -11.73 -18.54
CA PHE A 168 0.10 -11.98 -19.86
C PHE A 168 0.75 -13.35 -19.96
N LEU A 169 0.99 -13.76 -21.20
CA LEU A 169 1.72 -14.98 -21.52
C LEU A 169 3.09 -14.58 -22.03
N PRO A 170 4.13 -14.86 -21.24
CA PRO A 170 5.52 -14.50 -21.57
C PRO A 170 5.98 -15.09 -22.90
N SER A 171 6.75 -14.30 -23.64
CA SER A 171 7.16 -14.63 -25.00
C SER A 171 8.28 -13.68 -25.40
N THR A 172 9.46 -14.22 -25.68
CA THR A 172 10.62 -13.43 -26.08
C THR A 172 10.30 -12.45 -27.21
N GLU A 173 9.29 -12.79 -28.02
CA GLU A 173 8.84 -11.92 -29.09
C GLU A 173 8.37 -10.57 -28.56
N ASP A 174 7.28 -10.58 -27.78
CA ASP A 174 6.63 -9.36 -27.28
C ASP A 174 7.49 -8.50 -26.33
N VAL A 175 7.32 -7.18 -26.45
CA VAL A 175 7.90 -6.25 -25.48
C VAL A 175 6.79 -5.42 -24.82
N TYR A 176 7.05 -4.92 -23.62
CA TYR A 176 6.07 -4.12 -22.89
C TYR A 176 6.65 -2.83 -22.32
N ASP A 177 5.83 -1.79 -22.29
CA ASP A 177 6.14 -0.58 -21.53
C ASP A 177 4.97 -0.22 -20.61
N CYS A 178 5.28 0.27 -19.42
CA CYS A 178 4.27 0.93 -18.60
C CYS A 178 4.45 2.43 -18.76
N ARG A 179 3.47 3.10 -19.35
CA ARG A 179 3.57 4.53 -19.61
C ARG A 179 2.75 5.30 -18.58
N VAL A 180 3.40 6.25 -17.94
CA VAL A 180 2.86 6.97 -16.80
C VAL A 180 2.90 8.48 -17.04
N GLU A 181 1.75 9.11 -16.91
CA GLU A 181 1.65 10.55 -17.10
C GLU A 181 1.23 11.20 -15.80
N HIS A 182 1.98 12.22 -15.39
CA HIS A 182 1.70 12.97 -14.19
C HIS A 182 2.11 14.42 -14.39
N TRP A 183 1.41 15.34 -13.74
CA TRP A 183 1.69 16.77 -13.95
C TRP A 183 3.11 17.14 -13.49
N GLY A 184 3.68 16.34 -12.60
CA GLY A 184 5.04 16.57 -12.14
C GLY A 184 6.12 16.16 -13.14
N LEU A 185 5.77 15.39 -14.15
CA LEU A 185 6.75 14.96 -15.15
C LEU A 185 6.84 15.95 -16.31
N ASP A 186 7.95 15.97 -17.03
CA ASP A 186 8.05 16.79 -18.24
C ASP A 186 7.49 16.08 -19.47
N GLU A 187 7.42 14.76 -19.39
CA GLU A 187 6.87 13.96 -20.49
C GLU A 187 6.52 12.59 -19.91
N PRO A 188 5.70 11.81 -20.63
CA PRO A 188 5.35 10.47 -20.15
C PRO A 188 6.59 9.67 -19.75
N LEU A 189 6.52 8.99 -18.62
CA LEU A 189 7.62 8.15 -18.19
C LEU A 189 7.37 6.73 -18.70
N LEU A 190 8.33 6.19 -19.41
CA LEU A 190 8.22 4.85 -19.99
C LEU A 190 9.13 3.87 -19.27
N LYS A 191 8.55 2.92 -18.57
CA LYS A 191 9.34 1.89 -17.94
C LYS A 191 9.20 0.58 -18.72
N HIS A 192 10.33 0.07 -19.22
CA HIS A 192 10.34 -1.00 -20.21
C HIS A 192 10.53 -2.37 -19.58
N TRP A 193 9.95 -3.37 -20.23
CA TRP A 193 10.16 -4.76 -19.81
C TRP A 193 10.25 -5.73 -20.99
N GLU A 194 11.14 -6.71 -20.88
CA GLU A 194 11.23 -7.78 -21.86
C GLU A 194 11.78 -9.05 -21.20
N PHE A 195 11.41 -10.20 -21.77
CA PHE A 195 11.85 -11.50 -21.28
C PHE A 195 13.37 -11.57 -21.25
N THR B 4 -2.61 22.04 -16.31
CA THR B 4 -1.94 23.22 -15.75
C THR B 4 -2.80 23.93 -14.69
N ARG B 5 -4.08 23.57 -14.60
CA ARG B 5 -4.93 24.12 -13.54
C ARG B 5 -4.28 23.76 -12.20
N PRO B 6 -4.28 24.69 -11.25
CA PRO B 6 -3.67 24.36 -9.95
C PRO B 6 -4.55 23.38 -9.18
N ARG B 7 -3.93 22.53 -8.37
CA ARG B 7 -4.69 21.60 -7.55
C ARG B 7 -4.61 21.92 -6.06
N PHE B 8 -5.65 21.52 -5.33
CA PHE B 8 -5.73 21.72 -3.88
C PHE B 8 -6.20 20.41 -3.27
N LEU B 9 -5.46 19.91 -2.29
CA LEU B 9 -5.67 18.58 -1.75
C LEU B 9 -5.86 18.61 -0.23
N TRP B 10 -6.85 17.87 0.26
CA TRP B 10 -7.01 17.68 1.69
C TRP B 10 -7.03 16.18 2.01
N GLN B 11 -6.21 15.76 2.98
CA GLN B 11 -6.20 14.36 3.44
C GLN B 11 -6.51 14.27 4.92
N LEU B 12 -7.30 13.27 5.29
CA LEU B 12 -7.53 12.93 6.69
C LEU B 12 -7.17 11.47 6.90
N LYS B 13 -6.36 11.22 7.93
CA LYS B 13 -5.89 9.88 8.22
C LYS B 13 -6.09 9.55 9.70
N PHE B 14 -6.78 8.45 9.98
CA PHE B 14 -6.81 7.90 11.33
C PHE B 14 -5.86 6.71 11.35
N GLU B 15 -4.74 6.84 12.06
CA GLU B 15 -3.79 5.76 12.15
C GLU B 15 -3.94 5.02 13.47
N CYS B 16 -4.34 3.76 13.42
CA CYS B 16 -4.34 2.93 14.62
C CYS B 16 -3.05 2.10 14.69
N HIS B 17 -2.21 2.41 15.69
CA HIS B 17 -0.96 1.69 15.89
C HIS B 17 -1.08 0.67 17.01
N PHE B 18 -0.83 -0.60 16.68
CA PHE B 18 -0.99 -1.69 17.62
C PHE B 18 0.38 -2.30 17.95
N PHE B 19 0.65 -2.47 19.24
CA PHE B 19 1.91 -3.04 19.71
C PHE B 19 1.60 -4.26 20.54
N ASN B 20 2.20 -5.39 20.16
CA ASN B 20 1.98 -6.67 20.82
C ASN B 20 0.50 -7.04 20.85
N GLY B 21 -0.07 -7.27 19.67
CA GLY B 21 -1.50 -7.50 19.59
C GLY B 21 -2.22 -6.20 19.91
N THR B 22 -3.24 -6.26 20.78
CA THR B 22 -3.92 -5.04 21.20
C THR B 22 -3.49 -4.60 22.61
N GLU B 23 -2.36 -5.13 23.07
CA GLU B 23 -1.84 -4.80 24.38
C GLU B 23 -1.62 -3.29 24.54
N ARG B 24 -0.94 -2.68 23.59
CA ARG B 24 -0.87 -1.22 23.56
C ARG B 24 -1.35 -0.64 22.23
N VAL B 25 -2.24 0.34 22.31
CA VAL B 25 -2.81 0.98 21.12
C VAL B 25 -2.67 2.50 21.17
N ARG B 26 -2.23 3.09 20.06
CA ARG B 26 -2.12 4.53 19.93
C ARG B 26 -2.85 5.04 18.69
N LEU B 27 -3.75 5.99 18.88
CA LEU B 27 -4.42 6.58 17.73
C LEU B 27 -3.79 7.92 17.37
N LEU B 28 -3.49 8.08 16.09
CA LEU B 28 -2.96 9.33 15.56
C LEU B 28 -3.86 9.79 14.39
N GLU B 29 -4.67 10.81 14.64
CA GLU B 29 -5.53 11.42 13.63
C GLU B 29 -4.78 12.60 13.00
N ARG B 30 -4.63 12.59 11.68
CA ARG B 30 -3.79 13.60 11.03
C ARG B 30 -4.53 14.31 9.91
N CYS B 31 -4.40 15.63 9.87
CA CYS B 31 -5.01 16.44 8.81
C CYS B 31 -3.88 17.03 8.00
N ILE B 32 -3.97 16.89 6.69
CA ILE B 32 -2.87 17.31 5.84
C ILE B 32 -3.38 18.15 4.70
N TYR B 33 -2.90 19.38 4.59
CA TYR B 33 -3.30 20.24 3.49
C TYR B 33 -2.16 20.24 2.47
N ASN B 34 -2.49 19.85 1.24
CA ASN B 34 -1.48 19.62 0.20
C ASN B 34 -0.46 18.59 0.67
N GLN B 35 0.71 19.02 1.09
CA GLN B 35 1.66 18.06 1.63
C GLN B 35 2.06 18.38 3.07
N GLU B 36 1.41 19.40 3.64
CA GLU B 36 1.73 19.88 4.99
C GLU B 36 0.70 19.40 6.02
N GLU B 37 1.14 18.55 6.93
CA GLU B 37 0.28 18.14 8.05
C GLU B 37 0.04 19.36 8.94
N SER B 38 -1.21 19.70 9.21
CA SER B 38 -1.49 20.96 9.88
C SER B 38 -1.94 20.84 11.33
N VAL B 39 -2.65 19.77 11.64
CA VAL B 39 -3.20 19.54 12.98
C VAL B 39 -3.33 18.04 13.21
N ARG B 40 -3.22 17.59 14.45
CA ARG B 40 -3.34 16.17 14.76
C ARG B 40 -3.98 15.92 16.11
N PHE B 41 -4.67 14.80 16.24
CA PHE B 41 -5.01 14.26 17.56
C PHE B 41 -4.14 13.05 17.82
N ASP B 42 -3.39 13.11 18.92
CA ASP B 42 -2.55 12.00 19.35
C ASP B 42 -3.11 11.50 20.69
N SER B 43 -3.45 10.21 20.76
CA SER B 43 -4.05 9.68 21.98
C SER B 43 -3.09 9.65 23.16
N ASP B 44 -1.79 9.64 22.87
CA ASP B 44 -0.79 9.74 23.95
C ASP B 44 -0.82 11.15 24.54
N VAL B 45 -1.30 12.12 23.76
CA VAL B 45 -1.40 13.50 24.21
C VAL B 45 -2.79 13.84 24.75
N GLY B 46 -3.84 13.38 24.07
CA GLY B 46 -5.19 13.49 24.60
C GLY B 46 -6.00 14.68 24.16
N GLU B 47 -5.39 15.54 23.35
CA GLU B 47 -6.09 16.67 22.75
C GLU B 47 -5.47 16.99 21.38
N TYR B 48 -6.14 17.83 20.59
CA TYR B 48 -5.58 18.25 19.31
C TYR B 48 -4.41 19.20 19.55
N ARG B 49 -3.37 19.06 18.75
CA ARG B 49 -2.28 20.03 18.71
C ARG B 49 -2.05 20.44 17.25
N ALA B 50 -1.88 21.73 17.01
CA ALA B 50 -1.53 22.23 15.68
C ALA B 50 -0.09 21.85 15.39
N VAL B 51 0.17 21.46 14.14
CA VAL B 51 1.52 21.11 13.73
C VAL B 51 2.14 22.31 13.02
N THR B 52 1.30 23.07 12.32
CA THR B 52 1.75 24.31 11.71
C THR B 52 0.77 25.41 12.05
N GLU B 53 1.15 26.63 11.72
CA GLU B 53 0.32 27.78 11.99
C GLU B 53 -1.05 27.61 11.35
N LEU B 54 -1.09 26.95 10.19
CA LEU B 54 -2.35 26.69 9.51
C LEU B 54 -3.39 25.94 10.35
N GLY B 55 -2.92 25.06 11.24
CA GLY B 55 -3.83 24.21 12.01
C GLY B 55 -4.33 24.80 13.31
N ARG B 56 -3.72 25.90 13.76
CA ARG B 56 -4.05 26.53 15.05
C ARG B 56 -5.54 26.79 15.32
N PRO B 57 -6.26 27.36 14.35
CA PRO B 57 -7.68 27.57 14.62
C PRO B 57 -8.41 26.26 14.85
N ASP B 58 -7.96 25.21 14.19
CA ASP B 58 -8.63 23.92 14.27
C ASP B 58 -8.41 23.24 15.61
N ALA B 59 -7.16 23.23 16.06
CA ALA B 59 -6.82 22.71 17.37
C ALA B 59 -7.65 23.42 18.44
N GLU B 60 -7.67 24.75 18.41
CA GLU B 60 -8.39 25.52 19.41
C GLU B 60 -9.87 25.19 19.37
N TYR B 61 -10.46 25.28 18.19
CA TYR B 61 -11.89 25.09 18.05
C TYR B 61 -12.34 23.67 18.42
N TRP B 62 -11.61 22.67 17.93
CA TRP B 62 -12.01 21.29 18.16
C TRP B 62 -11.84 20.89 19.62
N ASN B 63 -10.80 21.40 20.27
CA ASN B 63 -10.55 21.13 21.68
C ASN B 63 -11.58 21.74 22.63
N SER B 64 -12.31 22.73 22.14
CA SER B 64 -13.37 23.36 22.94
C SER B 64 -14.59 22.47 22.97
N GLN B 65 -14.59 21.43 22.14
CA GLN B 65 -15.71 20.50 22.08
C GLN B 65 -15.47 19.25 22.92
N LYS B 66 -15.96 19.31 24.16
CA LYS B 66 -15.60 18.34 25.19
C LYS B 66 -16.12 16.93 24.94
N ASP B 67 -17.32 16.83 24.37
CA ASP B 67 -17.89 15.51 24.11
C ASP B 67 -17.11 14.82 23.00
N LEU B 68 -16.81 15.57 21.95
CA LEU B 68 -16.09 15.00 20.83
C LEU B 68 -14.67 14.63 21.26
N LEU B 69 -14.04 15.46 22.08
CA LEU B 69 -12.74 15.09 22.63
C LEU B 69 -12.78 13.79 23.45
N GLU B 70 -13.84 13.63 24.23
CA GLU B 70 -13.96 12.45 25.09
C GLU B 70 -14.23 11.20 24.26
N GLN B 71 -14.96 11.36 23.17
CA GLN B 71 -15.20 10.24 22.26
C GLN B 71 -13.89 9.87 21.53
N ARG B 72 -13.11 10.87 21.15
CA ARG B 72 -11.81 10.64 20.54
C ARG B 72 -10.85 9.88 21.46
N ARG B 73 -10.91 10.18 22.75
CA ARG B 73 -10.06 9.49 23.74
C ARG B 73 -10.50 8.05 23.95
N ALA B 74 -11.79 7.78 23.81
CA ALA B 74 -12.30 6.40 23.84
C ALA B 74 -12.00 5.62 22.55
N ALA B 75 -11.57 6.32 21.51
CA ALA B 75 -11.44 5.68 20.20
C ALA B 75 -10.43 4.52 20.12
N VAL B 76 -9.37 4.55 20.92
CA VAL B 76 -8.43 3.43 20.93
C VAL B 76 -9.18 2.11 21.16
N ASP B 77 -10.24 2.17 21.96
CA ASP B 77 -11.09 1.03 22.25
C ASP B 77 -12.25 0.88 21.27
N THR B 78 -13.09 1.89 21.18
CA THR B 78 -14.31 1.78 20.38
C THR B 78 -14.04 1.67 18.88
N TYR B 79 -12.83 2.08 18.49
CA TYR B 79 -12.47 2.19 17.07
C TYR B 79 -11.28 1.30 16.69
N CYS B 80 -10.09 1.63 17.20
CA CYS B 80 -8.89 0.85 16.88
C CYS B 80 -9.03 -0.62 17.26
N ARG B 81 -9.23 -0.90 18.55
CA ARG B 81 -9.36 -2.29 19.00
C ARG B 81 -10.54 -3.00 18.34
N HIS B 82 -11.64 -2.27 18.09
CA HIS B 82 -12.79 -2.88 17.44
C HIS B 82 -12.45 -3.34 16.02
N ASN B 83 -11.90 -2.44 15.22
CA ASN B 83 -11.58 -2.78 13.84
C ASN B 83 -10.47 -3.84 13.75
N TYR B 84 -9.51 -3.79 14.66
CA TYR B 84 -8.51 -4.85 14.76
C TYR B 84 -9.19 -6.19 14.97
N GLY B 85 -10.13 -6.25 15.92
CA GLY B 85 -10.90 -7.45 16.17
C GLY B 85 -11.63 -7.99 14.94
N VAL B 86 -12.28 -7.10 14.19
CA VAL B 86 -12.99 -7.53 12.98
C VAL B 86 -12.05 -8.07 11.89
N GLY B 87 -10.95 -7.37 11.65
CA GLY B 87 -10.07 -7.73 10.55
C GLY B 87 -9.03 -8.81 10.86
N GLU B 88 -8.85 -9.08 12.15
CA GLU B 88 -7.79 -9.98 12.64
C GLU B 88 -7.60 -11.31 11.89
N SER B 89 -8.67 -12.08 11.73
CA SER B 89 -8.58 -13.40 11.12
C SER B 89 -8.09 -13.39 9.68
N PHE B 90 -8.30 -12.28 8.97
CA PHE B 90 -7.91 -12.25 7.57
C PHE B 90 -6.82 -11.23 7.27
N THR B 91 -6.28 -10.61 8.30
CA THR B 91 -5.19 -9.68 8.14
C THR B 91 -3.98 -10.11 9.00
N VAL B 92 -4.06 -9.90 10.31
CA VAL B 92 -3.01 -10.31 11.25
C VAL B 92 -2.67 -11.79 11.10
N GLN B 93 -3.68 -12.60 10.79
CA GLN B 93 -3.55 -14.05 10.80
C GLN B 93 -3.44 -14.64 9.41
N ARG B 94 -3.34 -13.75 8.41
CA ARG B 94 -3.19 -14.18 7.01
C ARG B 94 -1.85 -14.88 6.79
N ARG B 95 -1.90 -16.04 6.14
CA ARG B 95 -0.70 -16.84 5.86
C ARG B 95 -0.77 -17.34 4.42
N VAL B 96 0.15 -16.89 3.59
CA VAL B 96 0.24 -17.41 2.22
C VAL B 96 1.65 -17.94 1.99
N GLU B 97 1.71 -19.13 1.42
CA GLU B 97 2.96 -19.85 1.31
C GLU B 97 3.73 -19.38 0.08
N PRO B 98 5.02 -19.07 0.26
CA PRO B 98 5.88 -18.60 -0.82
C PRO B 98 6.15 -19.68 -1.87
N LYS B 99 6.31 -19.27 -3.12
CA LYS B 99 6.81 -20.14 -4.17
C LYS B 99 8.29 -19.83 -4.35
N VAL B 100 9.10 -20.87 -4.33
CA VAL B 100 10.56 -20.73 -4.36
C VAL B 100 11.11 -21.30 -5.66
N THR B 101 11.92 -20.51 -6.33
CA THR B 101 12.54 -20.92 -7.58
C THR B 101 14.03 -20.57 -7.50
N VAL B 102 14.88 -21.49 -7.94
CA VAL B 102 16.32 -21.24 -8.01
C VAL B 102 16.79 -21.38 -9.46
N TYR B 103 17.55 -20.39 -9.92
CA TYR B 103 18.06 -20.42 -11.30
C TYR B 103 19.33 -19.59 -11.41
N PRO B 104 20.22 -19.96 -12.33
CA PRO B 104 21.39 -19.13 -12.61
C PRO B 104 20.96 -17.81 -13.26
N SER B 105 21.71 -16.74 -12.99
CA SER B 105 21.31 -15.40 -13.42
C SER B 105 21.64 -15.13 -14.88
N LYS B 106 20.74 -14.44 -15.57
CA LYS B 106 20.91 -14.13 -16.99
C LYS B 106 22.08 -13.17 -17.24
N ASN B 114 27.81 -18.77 -11.85
CA ASN B 114 28.56 -17.69 -11.21
C ASN B 114 27.66 -16.76 -10.40
N LEU B 115 26.38 -16.70 -10.78
CA LEU B 115 25.40 -15.94 -10.01
C LEU B 115 24.09 -16.72 -9.91
N LEU B 116 23.82 -17.24 -8.71
CA LEU B 116 22.61 -18.02 -8.45
C LEU B 116 21.54 -17.14 -7.84
N VAL B 117 20.31 -17.31 -8.31
CA VAL B 117 19.20 -16.50 -7.83
C VAL B 117 18.16 -17.34 -7.09
N CYS B 118 17.86 -16.97 -5.85
CA CYS B 118 16.71 -17.58 -5.19
C CYS B 118 15.53 -16.60 -5.23
N SER B 119 14.51 -16.99 -5.97
CA SER B 119 13.30 -16.17 -6.09
C SER B 119 12.20 -16.70 -5.18
N VAL B 120 11.72 -15.82 -4.31
CA VAL B 120 10.68 -16.16 -3.34
C VAL B 120 9.49 -15.24 -3.57
N SER B 121 8.35 -15.81 -3.98
CA SER B 121 7.24 -14.97 -4.39
C SER B 121 5.87 -15.42 -3.92
N GLY B 122 4.98 -14.45 -3.77
CA GLY B 122 3.60 -14.72 -3.44
C GLY B 122 3.39 -15.04 -1.99
N PHE B 123 4.22 -14.49 -1.11
CA PHE B 123 4.10 -14.81 0.32
C PHE B 123 3.51 -13.71 1.21
N TYR B 124 2.89 -14.13 2.31
CA TYR B 124 2.35 -13.21 3.32
C TYR B 124 2.32 -13.92 4.67
N PRO B 125 2.74 -13.22 5.74
CA PRO B 125 3.18 -11.82 5.80
C PRO B 125 4.63 -11.60 5.36
N GLY B 126 5.13 -10.39 5.57
CA GLY B 126 6.41 -9.98 5.03
C GLY B 126 7.64 -10.49 5.76
N SER B 127 7.48 -10.99 6.98
CA SER B 127 8.64 -11.47 7.73
C SER B 127 9.11 -12.83 7.21
N ILE B 128 10.38 -12.91 6.89
CA ILE B 128 10.91 -14.08 6.20
C ILE B 128 12.43 -14.17 6.39
N GLU B 129 12.94 -15.40 6.35
CA GLU B 129 14.37 -15.61 6.42
C GLU B 129 14.83 -16.54 5.29
N VAL B 130 15.72 -16.04 4.45
CA VAL B 130 16.17 -16.78 3.29
C VAL B 130 17.65 -17.09 3.44
N ARG B 131 18.00 -18.35 3.26
CA ARG B 131 19.37 -18.80 3.49
C ARG B 131 19.87 -19.70 2.38
N TRP B 132 21.16 -19.58 2.08
CA TRP B 132 21.81 -20.36 1.03
C TRP B 132 22.71 -21.44 1.63
N PHE B 133 22.64 -22.64 1.05
CA PHE B 133 23.46 -23.76 1.47
C PHE B 133 24.25 -24.32 0.29
N ARG B 134 25.48 -24.73 0.57
CA ARG B 134 26.35 -25.39 -0.42
C ARG B 134 26.82 -26.71 0.16
N ASN B 135 26.39 -27.81 -0.45
CA ASN B 135 26.62 -29.14 0.09
C ASN B 135 26.23 -29.25 1.57
N GLY B 136 25.02 -28.76 1.87
CA GLY B 136 24.44 -28.92 3.19
C GLY B 136 25.00 -27.97 4.24
N GLN B 137 25.93 -27.11 3.84
CA GLN B 137 26.52 -26.14 4.76
C GLN B 137 26.11 -24.74 4.36
N GLU B 138 25.77 -23.91 5.34
CA GLU B 138 25.32 -22.56 5.04
C GLU B 138 26.42 -21.65 4.54
N GLU B 139 26.19 -21.00 3.41
CA GLU B 139 27.09 -19.96 2.92
C GLU B 139 26.54 -18.60 3.30
N LYS B 140 27.26 -17.88 4.16
CA LYS B 140 26.83 -16.56 4.60
C LYS B 140 27.49 -15.41 3.83
N ALA B 141 28.52 -15.70 3.05
CA ALA B 141 29.24 -14.67 2.31
C ALA B 141 28.80 -14.60 0.86
N GLY B 142 29.04 -13.45 0.22
CA GLY B 142 28.64 -13.22 -1.16
C GLY B 142 27.14 -13.27 -1.37
N VAL B 143 26.39 -12.89 -0.34
CA VAL B 143 24.93 -12.94 -0.42
C VAL B 143 24.34 -11.55 -0.57
N VAL B 144 23.66 -11.32 -1.69
CA VAL B 144 22.97 -10.05 -1.93
C VAL B 144 21.46 -10.24 -2.05
N SER B 145 20.70 -9.37 -1.37
CA SER B 145 19.25 -9.43 -1.40
C SER B 145 18.62 -8.16 -1.94
N THR B 146 17.55 -8.33 -2.68
CA THR B 146 16.80 -7.21 -3.24
C THR B 146 15.91 -6.58 -2.15
N GLY B 147 15.78 -7.28 -1.04
CA GLY B 147 14.91 -6.82 0.03
C GLY B 147 13.44 -7.11 -0.25
N LEU B 148 12.59 -6.64 0.66
CA LEU B 148 11.16 -6.94 0.63
C LEU B 148 10.43 -6.12 -0.44
N ILE B 149 9.62 -6.80 -1.25
CA ILE B 149 8.87 -6.10 -2.26
C ILE B 149 7.37 -6.36 -2.12
N GLN B 150 6.62 -5.30 -1.87
CA GLN B 150 5.18 -5.38 -1.69
C GLN B 150 4.52 -5.32 -3.06
N ASN B 151 3.70 -6.33 -3.40
CA ASN B 151 3.07 -6.42 -4.72
C ASN B 151 1.71 -5.70 -4.84
N GLY B 152 1.20 -5.19 -3.73
CA GLY B 152 -0.05 -4.44 -3.72
C GLY B 152 -1.32 -5.29 -3.73
N ASP B 153 -1.15 -6.61 -3.70
CA ASP B 153 -2.26 -7.56 -3.72
C ASP B 153 -2.19 -8.50 -2.50
N TRP B 154 -1.57 -8.03 -1.41
CA TRP B 154 -1.42 -8.82 -0.19
C TRP B 154 -0.47 -10.01 -0.34
N THR B 155 0.57 -9.84 -1.16
CA THR B 155 1.69 -10.77 -1.23
C THR B 155 2.97 -9.94 -1.34
N PHE B 156 4.08 -10.56 -0.98
CA PHE B 156 5.40 -9.98 -1.17
C PHE B 156 6.20 -10.87 -2.11
N GLN B 157 7.33 -10.35 -2.58
CA GLN B 157 8.33 -11.19 -3.21
C GLN B 157 9.72 -10.68 -2.87
N THR B 158 10.72 -11.52 -3.09
CA THR B 158 12.11 -11.16 -2.85
C THR B 158 13.08 -12.00 -3.68
N LEU B 159 14.22 -11.42 -4.02
CA LEU B 159 15.30 -12.15 -4.68
C LEU B 159 16.52 -12.16 -3.76
N VAL B 160 17.10 -13.34 -3.58
CA VAL B 160 18.33 -13.45 -2.80
C VAL B 160 19.38 -14.14 -3.68
N MET B 161 20.44 -13.40 -3.97
CA MET B 161 21.50 -13.86 -4.88
C MET B 161 22.73 -14.38 -4.13
N LEU B 162 23.34 -15.42 -4.67
CA LEU B 162 24.60 -15.93 -4.16
C LEU B 162 25.67 -15.91 -5.26
N GLU B 163 26.79 -15.24 -4.97
CA GLU B 163 27.94 -15.26 -5.88
C GLU B 163 28.74 -16.52 -5.62
N THR B 164 28.90 -17.35 -6.66
CA THR B 164 29.62 -18.61 -6.53
C THR B 164 30.54 -18.89 -7.70
N VAL B 165 31.35 -19.93 -7.52
CA VAL B 165 32.04 -20.59 -8.62
C VAL B 165 31.67 -22.06 -8.49
N PRO B 166 30.67 -22.51 -9.24
CA PRO B 166 30.17 -23.88 -9.07
C PRO B 166 31.14 -24.95 -9.54
N ARG B 167 31.32 -25.98 -8.71
CA ARG B 167 32.07 -27.18 -9.11
C ARG B 167 31.09 -28.19 -9.69
N SER B 168 31.61 -29.31 -10.17
CA SER B 168 30.80 -30.24 -10.95
C SER B 168 29.69 -30.95 -10.18
N GLY B 169 29.99 -31.40 -8.96
CA GLY B 169 29.04 -32.18 -8.19
C GLY B 169 28.45 -31.46 -6.99
N GLU B 170 28.50 -30.13 -7.01
CA GLU B 170 28.01 -29.33 -5.88
C GLU B 170 26.50 -29.13 -5.91
N VAL B 171 25.87 -29.22 -4.74
CA VAL B 171 24.47 -28.89 -4.63
C VAL B 171 24.28 -27.62 -3.81
N TYR B 172 23.69 -26.61 -4.44
CA TYR B 172 23.31 -25.40 -3.74
C TYR B 172 21.83 -25.48 -3.39
N THR B 173 21.50 -25.19 -2.15
CA THR B 173 20.12 -25.25 -1.70
C THR B 173 19.67 -23.93 -1.13
N CYS B 174 18.57 -23.41 -1.67
CA CYS B 174 17.94 -22.22 -1.10
C CYS B 174 16.89 -22.63 -0.06
N GLN B 175 17.01 -22.05 1.13
CA GLN B 175 16.11 -22.39 2.24
C GLN B 175 15.29 -21.20 2.70
N VAL B 176 13.97 -21.38 2.79
CA VAL B 176 13.05 -20.28 3.12
C VAL B 176 12.25 -20.57 4.38
N GLU B 177 12.49 -19.78 5.42
CA GLU B 177 11.73 -19.84 6.69
C GLU B 177 10.62 -18.79 6.65
N HIS B 178 9.40 -19.17 6.99
CA HIS B 178 8.27 -18.26 6.91
C HIS B 178 7.11 -18.79 7.77
N PRO B 179 6.35 -17.89 8.41
CA PRO B 179 5.30 -18.34 9.33
C PRO B 179 4.25 -19.22 8.66
N SER B 180 4.16 -19.20 7.34
CA SER B 180 3.19 -20.02 6.63
C SER B 180 3.60 -21.48 6.50
N VAL B 181 4.88 -21.77 6.75
CA VAL B 181 5.36 -23.15 6.63
C VAL B 181 6.01 -23.64 7.92
N THR B 182 5.45 -24.72 8.48
CA THR B 182 5.97 -25.30 9.71
C THR B 182 7.39 -25.87 9.56
N SER B 183 7.70 -26.41 8.39
CA SER B 183 9.08 -26.72 8.01
C SER B 183 9.54 -25.79 6.92
N PRO B 184 10.69 -25.12 7.14
CA PRO B 184 11.29 -24.26 6.11
C PRO B 184 11.36 -24.98 4.78
N LEU B 185 11.07 -24.27 3.71
CA LEU B 185 11.06 -24.85 2.37
C LEU B 185 12.48 -24.91 1.85
N THR B 186 12.76 -25.87 0.96
CA THR B 186 14.07 -25.96 0.33
C THR B 186 13.96 -26.30 -1.15
N VAL B 187 14.77 -25.63 -1.95
CA VAL B 187 14.87 -25.98 -3.36
C VAL B 187 16.33 -26.18 -3.68
N GLU B 188 16.63 -27.32 -4.30
CA GLU B 188 18.00 -27.63 -4.65
C GLU B 188 18.31 -27.30 -6.09
N TRP B 189 19.54 -26.86 -6.32
CA TRP B 189 20.06 -26.64 -7.67
C TRP B 189 21.45 -27.24 -7.84
N ARG B 190 21.63 -27.96 -8.97
CA ARG B 190 22.95 -28.44 -9.39
C ARG B 190 23.05 -28.50 -10.92
N ALA B 191 24.23 -28.14 -11.44
CA ALA B 191 24.57 -28.35 -12.85
C ALA B 191 26.07 -28.14 -13.08
N LYS C 2 -17.64 26.27 9.14
CA LYS C 2 -16.65 25.89 10.14
C LYS C 2 -16.06 24.50 9.88
N MET C 3 -14.81 24.32 10.28
CA MET C 3 -14.09 23.04 10.07
C MET C 3 -14.71 21.88 10.82
N ARG C 4 -15.13 20.85 10.07
CA ARG C 4 -15.83 19.70 10.66
C ARG C 4 -14.90 18.53 10.93
N MET C 5 -15.13 17.86 12.07
CA MET C 5 -14.43 16.65 12.42
C MET C 5 -15.11 15.47 11.74
N ALA C 6 -14.38 14.74 10.90
CA ALA C 6 -14.96 13.56 10.28
C ALA C 6 -15.01 12.38 11.28
N THR C 7 -15.69 11.30 10.88
CA THR C 7 -15.94 10.19 11.77
C THR C 7 -14.97 9.03 11.56
N PRO C 8 -14.42 8.50 12.67
CA PRO C 8 -13.70 7.21 12.57
C PRO C 8 -14.73 6.11 12.32
N LEU C 9 -14.65 5.40 11.21
CA LEU C 9 -15.73 4.45 10.85
C LEU C 9 -15.39 2.99 11.13
N LEU C 10 -16.42 2.15 11.23
CA LEU C 10 -16.26 0.79 11.73
C LEU C 10 -16.62 -0.32 10.74
N MET C 11 -15.74 -1.31 10.65
CA MET C 11 -16.10 -2.56 10.00
C MET C 11 -16.87 -3.38 11.04
N GLN C 12 -17.67 -4.33 10.58
CA GLN C 12 -18.36 -5.26 11.45
C GLN C 12 -18.19 -6.66 10.89
N ALA C 13 -18.08 -7.65 11.78
CA ALA C 13 -17.88 -9.04 11.39
C ALA C 13 -19.13 -9.61 10.72
N LEU C 14 -18.91 -10.52 9.77
CA LEU C 14 -20.01 -11.25 9.14
C LEU C 14 -20.06 -12.64 9.75
N PRO C 15 -21.24 -13.31 9.69
CA PRO C 15 -21.49 -14.57 10.42
C PRO C 15 -20.35 -15.57 10.33
N MET C 16 -19.88 -15.89 9.13
CA MET C 16 -18.82 -16.88 9.00
C MET C 16 -17.69 -16.36 8.11
#